data_9FB2
#
_entry.id   9FB2
#
_cell.length_a   52.699
_cell.length_b   74.450
_cell.length_c   68.192
_cell.angle_alpha   90.00
_cell.angle_beta   102.81
_cell.angle_gamma   90.00
#
_symmetry.space_group_name_H-M   'P 1 21 1'
#
loop_
_entity.id
_entity.type
_entity.pdbx_description
1 polymer 'Lysosomal acid glucosylceramidase'
2 branched 2-acetamido-2-deoxy-beta-D-glucopyranose-(1-4)-2-acetamido-2-deoxy-beta-D-glucopyranose
3 non-polymer 2-acetamido-2-deoxy-beta-D-glucopyranose
4 non-polymer 'POTASSIUM ION'
5 non-polymer 1,2-ETHANEDIOL
6 non-polymer DI(HYDROXYETHYL)ETHER
7 non-polymer 'SULFATE ION'
8 non-polymer ~{N}-[(2~{R})-2-azanyl-2-(3-prop-1-en-2-ylphenyl)ethyl]-3,5-bis(fluoranyl)-~{N}-methyl-benzenesulfonamide
9 water water
#
_entity_poly.entity_id   1
_entity_poly.type   'polypeptide(L)'
_entity_poly.pdbx_seq_one_letter_code
;MEFSSPSREECPKPLSRVSIMAGSLTGLLLLQAVSWASGARPCIPKSFGYSSVVCVCNATYCDSFDPPTFPALGTFSRYE
STRSGRRMELSMGPIQANHTGTGLLLTLQPEQKFQKVKGFGGAMTDAAALNILALSPPAQNLLLKSYFSEEGIGYNIIRV
PMASCDFSIRTYTYADTPDDFQLHNFSLPEEDTKLKIPLIHRALQLAQRPVSLLASPWTSPTWLKTNGAVNGKGSLKGQP
GDIYHQTWARYFVKFLDAYAEHKLQFWAVTAENEPSAGLLSGYPFQCLGFTPEHQRDFIARDLGPTLANSTHHNVRLLML
DDQRLLLPHWAKVVLTDPEAAKYVHGIAVHWYLDFLAPAKATLGETHRLFPNTMLFASEACVGSKFWEQSVRLGSWDRGM
QYSHSIITNLLYHVVGWTDWNLALNPEGGPNWVRNFVDSPIIVDITKDTFYKQPMFYHLGHFSKFIPEGSQRVGLVASQK
NDLDAVALMHPDGSAVVVVLNRSSKDVPLTIKDPAVGFLETISPGYSIHTYLWRRQHHHHHHHHHH
;
_entity_poly.pdbx_strand_id   A
#
loop_
_chem_comp.id
_chem_comp.type
_chem_comp.name
_chem_comp.formula
A1IBO non-polymer ~{N}-[(2~{R})-2-azanyl-2-(3-prop-1-en-2-ylphenyl)ethyl]-3,5-bis(fluoranyl)-~{N}-methyl-benzenesulfonamide 'C18 H20 F2 N2 O2 S'
EDO non-polymer 1,2-ETHANEDIOL 'C2 H6 O2'
K non-polymer 'POTASSIUM ION' 'K 1'
NAG D-saccharide, beta linking 2-acetamido-2-deoxy-beta-D-glucopyranose 'C8 H15 N O6'
PEG non-polymer DI(HYDROXYETHYL)ETHER 'C4 H10 O3'
SO4 non-polymer 'SULFATE ION' 'O4 S -2'
#
# COMPACT_ATOMS: atom_id res chain seq x y z
N ALA A 40 -11.83 -2.52 -22.44
CA ALA A 40 -11.66 -3.94 -22.83
C ALA A 40 -12.90 -4.73 -22.44
N ARG A 41 -13.07 -5.01 -21.15
CA ARG A 41 -14.26 -5.71 -20.66
C ARG A 41 -14.79 -4.89 -19.49
N PRO A 42 -16.08 -4.55 -19.53
CA PRO A 42 -16.68 -3.76 -18.46
C PRO A 42 -16.97 -4.54 -17.18
N CYS A 43 -17.12 -3.78 -16.10
CA CYS A 43 -17.59 -4.30 -14.83
C CYS A 43 -18.91 -5.04 -15.01
N ILE A 44 -19.00 -6.26 -14.48
CA ILE A 44 -20.28 -6.90 -14.31
C ILE A 44 -20.68 -6.64 -12.86
N PRO A 45 -21.66 -5.77 -12.66
CA PRO A 45 -21.94 -5.33 -11.30
C PRO A 45 -22.83 -6.29 -10.53
N LYS A 46 -22.64 -6.34 -9.24
CA LYS A 46 -23.53 -7.03 -8.37
C LYS A 46 -23.66 -6.24 -7.06
N SER A 47 -24.89 -6.17 -6.59
CA SER A 47 -25.19 -5.53 -5.33
C SER A 47 -25.38 -6.59 -4.23
N PHE A 48 -24.83 -6.28 -3.06
CA PHE A 48 -25.05 -7.08 -1.86
C PHE A 48 -25.79 -6.25 -0.80
N GLY A 49 -26.44 -5.16 -1.19
CA GLY A 49 -27.26 -4.36 -0.29
C GLY A 49 -26.50 -3.20 0.34
N TYR A 50 -25.22 -3.01 -0.01
CA TYR A 50 -24.48 -1.87 0.49
C TYR A 50 -24.65 -0.73 -0.52
N SER A 51 -23.88 0.34 -0.36
CA SER A 51 -24.23 1.57 -1.06
C SER A 51 -23.89 1.49 -2.55
N SER A 52 -23.02 0.58 -2.96
CA SER A 52 -22.65 0.47 -4.36
C SER A 52 -22.46 -1.01 -4.69
N VAL A 53 -21.87 -1.25 -5.83
CA VAL A 53 -21.75 -2.58 -6.41
C VAL A 53 -20.29 -3.01 -6.33
N VAL A 54 -20.15 -4.33 -6.40
CA VAL A 54 -18.87 -4.96 -6.69
C VAL A 54 -18.86 -5.33 -8.16
N CYS A 55 -17.68 -5.54 -8.70
CA CYS A 55 -17.54 -6.12 -10.01
C CYS A 55 -17.20 -7.59 -9.85
N VAL A 56 -17.90 -8.40 -10.60
CA VAL A 56 -17.81 -9.85 -10.45
C VAL A 56 -16.88 -10.44 -11.51
N CYS A 57 -15.94 -11.24 -11.02
CA CYS A 57 -15.01 -11.94 -11.91
C CYS A 57 -15.05 -13.43 -11.59
N ASN A 58 -14.67 -14.24 -12.55
CA ASN A 58 -14.76 -15.67 -12.37
C ASN A 58 -13.78 -16.34 -13.33
N ALA A 59 -13.97 -17.59 -13.64
CA ALA A 59 -12.99 -18.31 -14.45
C ALA A 59 -13.00 -17.86 -15.91
N THR A 60 -14.06 -17.19 -16.37
CA THR A 60 -14.14 -16.86 -17.78
C THR A 60 -14.29 -15.35 -18.02
N TYR A 61 -14.33 -14.55 -16.98
CA TYR A 61 -14.62 -13.14 -17.21
C TYR A 61 -14.04 -12.31 -16.08
N CYS A 62 -13.39 -11.21 -16.42
CA CYS A 62 -13.13 -10.16 -15.47
C CYS A 62 -13.07 -8.83 -16.22
N ASP A 63 -13.42 -7.76 -15.53
CA ASP A 63 -13.29 -6.44 -16.16
C ASP A 63 -11.83 -6.09 -16.34
N SER A 64 -11.53 -5.40 -17.41
CA SER A 64 -10.17 -5.12 -17.75
C SER A 64 -10.12 -3.92 -18.68
N PHE A 65 -8.95 -3.32 -18.77
CA PHE A 65 -8.70 -2.19 -19.67
C PHE A 65 -8.02 -2.66 -20.95
N ASP A 66 -8.14 -1.83 -21.97
CA ASP A 66 -7.28 -1.97 -23.12
C ASP A 66 -5.83 -1.62 -22.75
N PRO A 67 -4.85 -2.03 -23.57
CA PRO A 67 -3.48 -1.59 -23.25
C PRO A 67 -3.46 -0.07 -23.12
N PRO A 68 -2.69 0.45 -22.16
CA PRO A 68 -2.72 1.88 -21.89
C PRO A 68 -2.11 2.68 -23.04
N THR A 69 -2.85 3.67 -23.48
CA THR A 69 -2.33 4.66 -24.41
C THR A 69 -2.77 6.04 -23.96
N PHE A 70 -1.95 7.03 -24.28
CA PHE A 70 -2.28 8.41 -23.96
C PHE A 70 -3.11 9.04 -25.07
N PRO A 71 -4.00 9.96 -24.70
CA PRO A 71 -4.69 10.77 -25.70
C PRO A 71 -3.64 11.66 -26.40
N ALA A 72 -3.79 11.95 -27.69
CA ALA A 72 -2.84 12.82 -28.42
C ALA A 72 -2.83 14.19 -27.75
N LEU A 73 -1.72 14.92 -27.96
CA LEU A 73 -1.55 16.28 -27.47
C LEU A 73 -2.80 17.09 -27.83
N GLY A 74 -3.42 17.77 -26.86
CA GLY A 74 -4.63 18.58 -27.08
C GLY A 74 -5.92 17.92 -26.62
N THR A 75 -5.79 16.67 -26.18
CA THR A 75 -6.90 15.86 -25.67
C THR A 75 -6.58 15.45 -24.23
N PHE A 76 -7.57 15.30 -23.37
CA PHE A 76 -7.34 14.65 -22.06
C PHE A 76 -8.16 13.37 -21.95
N SER A 77 -7.69 12.45 -21.12
CA SER A 77 -8.44 11.27 -20.71
C SER A 77 -9.01 11.48 -19.31
N ARG A 78 -10.22 11.00 -19.12
CA ARG A 78 -10.88 10.98 -17.84
C ARG A 78 -11.29 9.54 -17.54
N TYR A 79 -10.92 9.01 -16.39
CA TYR A 79 -11.41 7.76 -15.91
C TYR A 79 -12.35 8.08 -14.76
N GLU A 80 -13.57 7.53 -14.78
CA GLU A 80 -14.56 7.90 -13.80
C GLU A 80 -15.11 6.67 -13.09
N SER A 81 -15.16 6.72 -11.78
CA SER A 81 -15.92 5.75 -10.99
C SER A 81 -16.95 6.48 -10.16
N THR A 82 -18.12 5.85 -10.00
CA THR A 82 -19.20 6.50 -9.27
C THR A 82 -19.91 5.51 -8.35
N ARG A 83 -20.48 6.01 -7.26
CA ARG A 83 -21.30 5.19 -6.41
C ARG A 83 -22.43 4.57 -7.22
N SER A 84 -22.96 5.31 -8.18
CA SER A 84 -24.04 4.83 -9.02
C SER A 84 -23.64 3.65 -9.91
N GLY A 85 -22.35 3.35 -10.05
CA GLY A 85 -21.92 2.10 -10.61
C GLY A 85 -20.85 2.19 -11.67
N ARG A 86 -20.44 3.37 -12.11
CA ARG A 86 -19.40 3.42 -13.10
C ARG A 86 -18.08 2.99 -12.46
N ARG A 87 -17.30 2.23 -13.23
CA ARG A 87 -16.05 1.68 -12.71
C ARG A 87 -14.93 1.94 -13.70
N MET A 88 -14.17 2.99 -13.37
CA MET A 88 -12.99 3.43 -14.14
C MET A 88 -13.29 3.47 -15.64
N GLU A 89 -14.41 4.12 -15.96
CA GLU A 89 -14.82 4.24 -17.34
C GLU A 89 -14.07 5.38 -18.00
N LEU A 90 -13.60 5.14 -19.23
CA LEU A 90 -12.78 6.09 -19.94
C LEU A 90 -13.62 6.97 -20.85
N SER A 91 -13.42 8.26 -20.76
CA SER A 91 -13.90 9.21 -21.75
C SER A 91 -12.78 10.20 -22.06
N MET A 92 -12.89 10.90 -23.18
CA MET A 92 -11.89 11.88 -23.58
C MET A 92 -12.58 13.21 -23.85
N GLY A 93 -11.82 14.29 -23.69
CA GLY A 93 -12.31 15.61 -23.99
C GLY A 93 -11.20 16.47 -24.52
N PRO A 94 -11.58 17.64 -25.06
CA PRO A 94 -10.60 18.58 -25.57
C PRO A 94 -9.99 19.45 -24.48
N ILE A 95 -8.72 19.76 -24.64
CA ILE A 95 -8.13 20.82 -23.87
C ILE A 95 -8.36 22.10 -24.66
N GLN A 96 -8.90 23.11 -23.99
CA GLN A 96 -9.31 24.32 -24.70
C GLN A 96 -8.37 25.47 -24.39
N ALA A 97 -8.19 26.35 -25.38
CA ALA A 97 -7.30 27.48 -25.21
C ALA A 97 -7.89 28.48 -24.22
N ASN A 98 -9.22 28.58 -24.14
CA ASN A 98 -9.85 29.65 -23.41
C ASN A 98 -10.76 29.12 -22.31
N HIS A 99 -10.96 29.97 -21.33
CA HIS A 99 -11.91 29.74 -20.28
C HIS A 99 -12.44 31.09 -19.79
N THR A 100 -13.76 31.19 -19.75
CA THR A 100 -14.35 32.43 -19.31
C THR A 100 -15.53 32.18 -18.35
N GLY A 101 -15.59 31.00 -17.78
CA GLY A 101 -16.35 30.82 -16.56
C GLY A 101 -15.72 31.59 -15.41
N THR A 102 -16.49 31.78 -14.33
CA THR A 102 -16.05 32.37 -13.09
C THR A 102 -16.12 31.32 -11.95
N GLY A 103 -16.37 30.06 -12.29
CA GLY A 103 -16.52 28.97 -11.31
C GLY A 103 -15.19 28.40 -10.81
N LEU A 104 -15.29 27.30 -10.12
CA LEU A 104 -14.13 26.69 -9.50
C LEU A 104 -13.06 26.38 -10.56
N LEU A 105 -11.86 26.93 -10.31
CA LEU A 105 -10.71 26.72 -11.16
C LEU A 105 -9.62 26.07 -10.33
N LEU A 106 -9.08 24.99 -10.84
CA LEU A 106 -7.96 24.32 -10.22
C LEU A 106 -6.77 24.55 -11.14
N THR A 107 -5.77 25.32 -10.68
CA THR A 107 -4.65 25.65 -11.52
C THR A 107 -3.47 24.77 -11.14
N LEU A 108 -3.03 23.98 -12.10
CA LEU A 108 -1.86 23.18 -11.93
C LEU A 108 -0.65 24.08 -11.64
N GLN A 109 0.21 23.58 -10.75
CA GLN A 109 1.46 24.27 -10.37
C GLN A 109 2.60 23.32 -10.72
N PRO A 110 2.83 23.15 -12.01
CA PRO A 110 3.77 22.09 -12.45
C PRO A 110 5.20 22.33 -11.95
N GLU A 111 5.56 23.57 -11.65
CA GLU A 111 6.90 23.84 -11.20
C GLU A 111 6.99 23.86 -9.67
N GLN A 112 5.87 23.72 -8.99
CA GLN A 112 5.87 23.56 -7.54
C GLN A 112 5.93 22.07 -7.26
N LYS A 113 7.14 21.59 -6.98
CA LYS A 113 7.42 20.16 -6.94
C LYS A 113 7.53 19.66 -5.50
N PHE A 114 6.97 18.49 -5.26
CA PHE A 114 7.04 17.87 -3.94
C PHE A 114 7.77 16.53 -4.08
N GLN A 115 7.19 15.48 -3.51
CA GLN A 115 7.94 14.23 -3.39
C GLN A 115 7.82 13.42 -4.68
N LYS A 116 8.81 12.60 -4.91
CA LYS A 116 8.75 11.57 -5.94
C LYS A 116 8.06 10.31 -5.40
N VAL A 117 7.28 9.65 -6.23
CA VAL A 117 6.46 8.52 -5.84
C VAL A 117 7.19 7.20 -6.12
N LYS A 118 7.21 6.38 -5.09
CA LYS A 118 7.68 5.01 -5.20
C LYS A 118 6.63 4.10 -5.83
N GLY A 119 5.41 4.16 -5.34
CA GLY A 119 4.34 3.40 -5.98
C GLY A 119 3.27 2.98 -5.01
N PHE A 120 2.56 1.91 -5.46
CA PHE A 120 1.33 1.42 -4.86
C PHE A 120 1.28 -0.10 -4.94
N GLY A 121 0.69 -0.70 -3.91
CA GLY A 121 0.48 -2.12 -4.01
C GLY A 121 -0.24 -2.62 -2.80
N GLY A 122 0.07 -3.89 -2.44
CA GLY A 122 -0.61 -4.57 -1.39
C GLY A 122 0.21 -5.73 -0.84
N ALA A 123 -0.36 -6.45 0.12
CA ALA A 123 0.40 -7.44 0.89
C ALA A 123 0.06 -8.87 0.48
N MET A 124 1.11 -9.63 0.19
CA MET A 124 1.00 -11.08 -0.07
C MET A 124 1.16 -11.83 1.25
N THR A 125 0.15 -11.74 2.09
CA THR A 125 0.06 -12.52 3.32
C THR A 125 -0.26 -13.97 2.99
N ASP A 126 -0.11 -14.82 4.00
CA ASP A 126 -0.52 -16.23 3.84
C ASP A 126 -2.01 -16.27 3.48
N ALA A 127 -2.80 -15.44 4.14
CA ALA A 127 -4.25 -15.41 3.85
C ALA A 127 -4.50 -15.01 2.42
N ALA A 128 -3.81 -13.99 1.92
CA ALA A 128 -4.03 -13.59 0.54
C ALA A 128 -3.65 -14.71 -0.43
N ALA A 129 -2.51 -15.34 -0.17
CA ALA A 129 -2.02 -16.37 -1.05
C ALA A 129 -2.97 -17.56 -1.06
N LEU A 130 -3.44 -17.95 0.13
CA LEU A 130 -4.37 -19.09 0.22
C LEU A 130 -5.64 -18.79 -0.55
N ASN A 131 -6.15 -17.58 -0.43
CA ASN A 131 -7.38 -17.21 -1.08
C ASN A 131 -7.18 -17.18 -2.60
N ILE A 132 -6.09 -16.59 -3.06
CA ILE A 132 -5.86 -16.54 -4.48
C ILE A 132 -5.74 -17.96 -5.03
N LEU A 133 -4.95 -18.79 -4.37
CA LEU A 133 -4.68 -20.13 -4.91
C LEU A 133 -5.86 -21.08 -4.75
N ALA A 134 -6.87 -20.70 -3.97
CA ALA A 134 -8.07 -21.49 -3.84
C ALA A 134 -8.98 -21.28 -5.05
N LEU A 135 -8.73 -20.24 -5.85
CA LEU A 135 -9.47 -20.05 -7.11
C LEU A 135 -8.89 -21.00 -8.17
N SER A 136 -9.65 -21.27 -9.21
CA SER A 136 -9.15 -22.03 -10.35
C SER A 136 -8.01 -21.27 -11.01
N PRO A 137 -7.12 -21.97 -11.70
CA PRO A 137 -6.08 -21.25 -12.43
C PRO A 137 -6.54 -20.08 -13.31
N PRO A 138 -7.59 -20.22 -14.10
CA PRO A 138 -8.04 -19.04 -14.82
C PRO A 138 -8.47 -17.87 -13.92
N ALA A 139 -9.23 -18.11 -12.87
CA ALA A 139 -9.66 -17.04 -11.99
C ALA A 139 -8.44 -16.45 -11.28
N GLN A 140 -7.47 -17.28 -10.89
CA GLN A 140 -6.27 -16.77 -10.26
C GLN A 140 -5.59 -15.76 -11.16
N ASN A 141 -5.49 -16.09 -12.44
CA ASN A 141 -4.82 -15.23 -13.39
C ASN A 141 -5.58 -13.92 -13.56
N LEU A 142 -6.90 -13.99 -13.61
CA LEU A 142 -7.66 -12.76 -13.80
C LEU A 142 -7.56 -11.88 -12.55
N LEU A 143 -7.44 -12.49 -11.37
CA LEU A 143 -7.22 -11.73 -10.13
C LEU A 143 -5.84 -11.06 -10.17
N LEU A 144 -4.82 -11.83 -10.47
CA LEU A 144 -3.48 -11.24 -10.51
C LEU A 144 -3.38 -10.19 -11.62
N LYS A 145 -3.98 -10.41 -12.76
CA LYS A 145 -3.96 -9.36 -13.80
C LYS A 145 -4.71 -8.12 -13.33
N SER A 146 -5.76 -8.25 -12.57
CA SER A 146 -6.50 -7.13 -12.07
C SER A 146 -5.56 -6.19 -11.30
N TYR A 147 -4.68 -6.76 -10.51
CA TYR A 147 -3.80 -5.94 -9.73
C TYR A 147 -2.52 -5.57 -10.48
N PHE A 148 -1.90 -6.48 -11.21
CA PHE A 148 -0.49 -6.31 -11.60
C PHE A 148 -0.26 -6.13 -13.09
N SER A 149 -1.29 -6.21 -13.91
CA SER A 149 -1.10 -6.00 -15.34
CA SER A 149 -1.15 -6.01 -15.33
C SER A 149 -1.53 -4.58 -15.72
N GLU A 150 -1.06 -4.17 -16.89
CA GLU A 150 -1.51 -2.91 -17.45
C GLU A 150 -2.97 -3.02 -17.87
N GLU A 151 -3.51 -4.23 -18.01
CA GLU A 151 -4.98 -4.40 -18.24
C GLU A 151 -5.77 -4.36 -16.92
N GLY A 152 -5.06 -4.20 -15.81
CA GLY A 152 -5.59 -3.93 -14.51
C GLY A 152 -5.06 -2.60 -13.97
N ILE A 153 -4.70 -2.57 -12.71
CA ILE A 153 -4.41 -1.29 -12.06
C ILE A 153 -2.93 -1.08 -11.75
N GLY A 154 -2.05 -1.92 -12.28
CA GLY A 154 -0.65 -1.51 -12.36
C GLY A 154 0.08 -1.44 -11.04
N TYR A 155 -0.26 -2.25 -10.07
CA TYR A 155 0.50 -2.31 -8.83
C TYR A 155 1.99 -2.56 -9.08
N ASN A 156 2.81 -1.87 -8.29
CA ASN A 156 4.24 -2.09 -8.40
C ASN A 156 4.91 -2.34 -7.05
N ILE A 157 4.14 -2.59 -6.01
CA ILE A 157 4.71 -2.93 -4.69
C ILE A 157 3.98 -4.15 -4.14
N ILE A 158 4.77 -5.05 -3.57
CA ILE A 158 4.19 -6.16 -2.81
C ILE A 158 4.89 -6.21 -1.47
N ARG A 159 4.11 -6.18 -0.41
CA ARG A 159 4.65 -6.35 0.95
C ARG A 159 4.56 -7.83 1.30
N VAL A 160 5.66 -8.36 1.82
CA VAL A 160 5.83 -9.78 2.10
C VAL A 160 6.12 -9.95 3.58
N PRO A 161 5.21 -10.51 4.36
CA PRO A 161 5.56 -10.86 5.74
C PRO A 161 6.74 -11.83 5.79
N MET A 162 7.61 -11.60 6.75
CA MET A 162 8.66 -12.53 7.11
C MET A 162 8.04 -13.50 8.11
N ALA A 163 7.58 -14.62 7.57
CA ALA A 163 6.93 -15.69 8.31
C ALA A 163 5.54 -15.28 8.74
N SER A 164 5.03 -15.78 9.86
CA SER A 164 3.60 -15.74 10.11
C SER A 164 3.15 -14.42 10.73
N CYS A 165 1.89 -14.10 10.49
CA CYS A 165 1.27 -12.97 11.14
C CYS A 165 -0.17 -13.35 11.52
N ASP A 166 -1.02 -12.40 11.82
CA ASP A 166 -2.41 -12.73 12.10
C ASP A 166 -3.12 -13.30 10.88
N PHE A 167 -2.80 -12.78 9.70
CA PHE A 167 -3.34 -13.27 8.42
C PHE A 167 -2.53 -14.48 7.93
N SER A 168 -2.49 -15.45 8.86
CA SER A 168 -1.87 -16.75 8.68
C SER A 168 -2.79 -17.73 9.39
N ILE A 169 -2.71 -18.99 8.99
CA ILE A 169 -3.48 -20.05 9.65
C ILE A 169 -2.57 -20.94 10.49
N ARG A 170 -1.27 -20.76 10.37
CA ARG A 170 -0.30 -21.56 11.10
C ARG A 170 0.65 -20.57 11.74
N THR A 171 1.09 -20.84 12.96
CA THR A 171 2.06 -19.99 13.60
C THR A 171 3.40 -20.68 13.39
N TYR A 172 4.33 -19.91 12.87
CA TYR A 172 5.69 -20.39 12.60
C TYR A 172 6.60 -19.17 12.40
N THR A 173 7.87 -19.44 12.59
CA THR A 173 8.91 -18.55 12.10
C THR A 173 9.82 -19.38 11.19
N TYR A 174 10.82 -18.74 10.63
CA TYR A 174 11.77 -19.43 9.77
C TYR A 174 12.85 -20.16 10.58
N ALA A 175 12.88 -19.99 11.90
CA ALA A 175 13.96 -20.60 12.68
C ALA A 175 13.43 -21.01 14.05
N ASP A 176 12.45 -21.92 14.04
CA ASP A 176 11.83 -22.36 15.29
C ASP A 176 12.66 -23.32 16.12
N THR A 177 13.68 -23.92 15.53
CA THR A 177 14.55 -24.81 16.31
C THR A 177 15.33 -23.94 17.29
N PRO A 178 15.20 -24.19 18.61
CA PRO A 178 15.82 -23.28 19.56
C PRO A 178 17.36 -23.31 19.61
N ASP A 179 17.87 -22.18 20.09
CA ASP A 179 19.25 -21.90 20.34
C ASP A 179 20.17 -22.07 19.13
N ASP A 180 19.57 -21.84 17.96
CA ASP A 180 20.26 -21.90 16.69
C ASP A 180 20.79 -20.51 16.36
N PHE A 181 21.74 -20.03 17.16
CA PHE A 181 22.13 -18.61 17.06
C PHE A 181 22.82 -18.36 15.70
N GLN A 182 23.45 -19.37 15.10
CA GLN A 182 24.03 -19.15 13.77
C GLN A 182 23.00 -19.39 12.65
N LEU A 183 21.79 -19.77 13.03
CA LEU A 183 20.65 -19.91 12.06
C LEU A 183 20.96 -20.94 10.97
N HIS A 184 21.62 -22.02 11.37
CA HIS A 184 21.86 -23.12 10.45
C HIS A 184 20.56 -23.77 9.97
N ASN A 185 19.52 -23.72 10.80
CA ASN A 185 18.24 -24.38 10.48
C ASN A 185 17.20 -23.36 10.00
N PHE A 186 17.63 -22.15 9.69
CA PHE A 186 16.73 -21.19 9.02
C PHE A 186 16.31 -21.78 7.68
N SER A 187 15.00 -21.74 7.40
CA SER A 187 14.52 -22.25 6.13
C SER A 187 13.12 -21.68 5.87
N LEU A 188 12.80 -21.62 4.60
CA LEU A 188 11.48 -21.17 4.19
C LEU A 188 10.57 -22.39 4.12
N PRO A 189 9.40 -22.32 4.76
CA PRO A 189 8.42 -23.37 4.70
C PRO A 189 7.58 -23.22 3.43
N GLU A 190 6.63 -24.11 3.25
CA GLU A 190 5.79 -24.13 2.04
C GLU A 190 4.95 -22.85 1.93
N GLU A 191 4.61 -22.19 3.04
CA GLU A 191 3.87 -20.92 2.92
C GLU A 191 4.62 -19.98 1.98
N ASP A 192 5.94 -19.98 2.03
CA ASP A 192 6.76 -19.22 1.09
C ASP A 192 7.00 -19.95 -0.23
N THR A 193 7.51 -21.17 -0.17
CA THR A 193 8.03 -21.80 -1.38
C THR A 193 6.91 -22.29 -2.30
N LYS A 194 5.74 -22.60 -1.77
CA LYS A 194 4.66 -23.15 -2.58
C LYS A 194 3.57 -22.11 -2.80
N LEU A 195 3.42 -21.12 -1.94
CA LEU A 195 2.32 -20.19 -2.05
CA LEU A 195 2.31 -20.18 -2.07
C LEU A 195 2.82 -18.78 -2.39
N LYS A 196 3.50 -18.10 -1.48
CA LYS A 196 3.83 -16.71 -1.71
C LYS A 196 4.81 -16.52 -2.85
N ILE A 197 5.87 -17.29 -2.91
CA ILE A 197 6.91 -17.05 -3.90
C ILE A 197 6.38 -17.31 -5.32
N PRO A 198 5.75 -18.44 -5.57
CA PRO A 198 5.20 -18.61 -6.91
C PRO A 198 4.20 -17.53 -7.32
N LEU A 199 3.36 -17.07 -6.39
CA LEU A 199 2.45 -15.98 -6.74
C LEU A 199 3.19 -14.68 -7.04
N ILE A 200 4.23 -14.40 -6.28
CA ILE A 200 5.00 -13.18 -6.55
C ILE A 200 5.64 -13.29 -7.92
N HIS A 201 6.21 -14.43 -8.25
CA HIS A 201 6.78 -14.58 -9.57
C HIS A 201 5.72 -14.36 -10.65
N ARG A 202 4.52 -14.88 -10.45
CA ARG A 202 3.47 -14.71 -11.43
C ARG A 202 3.09 -13.22 -11.55
N ALA A 203 3.01 -12.53 -10.43
CA ALA A 203 2.72 -11.10 -10.45
C ALA A 203 3.79 -10.36 -11.27
N LEU A 204 5.04 -10.68 -11.03
CA LEU A 204 6.14 -10.01 -11.72
C LEU A 204 6.09 -10.32 -13.22
N GLN A 205 5.65 -11.52 -13.60
CA GLN A 205 5.58 -11.86 -15.01
C GLN A 205 4.48 -11.04 -15.69
N LEU A 206 3.40 -10.78 -14.98
CA LEU A 206 2.26 -10.06 -15.59
C LEU A 206 2.54 -8.56 -15.66
N ALA A 207 3.39 -8.06 -14.77
CA ALA A 207 3.66 -6.61 -14.70
C ALA A 207 4.62 -6.19 -15.82
N GLN A 208 4.35 -5.04 -16.41
CA GLN A 208 5.33 -4.36 -17.26
C GLN A 208 6.16 -3.38 -16.41
N ARG A 209 5.56 -2.81 -15.37
N ARG A 209 5.56 -2.80 -15.37
CA ARG A 209 6.32 -1.94 -14.45
CA ARG A 209 6.29 -1.96 -14.41
C ARG A 209 7.14 -2.79 -13.48
C ARG A 209 7.21 -2.87 -13.60
N PRO A 210 8.40 -2.41 -13.26
CA PRO A 210 9.21 -3.11 -12.27
C PRO A 210 8.48 -3.11 -10.91
N VAL A 211 8.45 -4.26 -10.27
CA VAL A 211 7.79 -4.43 -9.01
C VAL A 211 8.82 -4.43 -7.89
N SER A 212 8.53 -3.70 -6.84
CA SER A 212 9.37 -3.61 -5.67
C SER A 212 8.74 -4.41 -4.53
N LEU A 213 9.57 -5.22 -3.87
CA LEU A 213 9.11 -5.99 -2.74
C LEU A 213 9.58 -5.34 -1.43
N LEU A 214 8.73 -5.42 -0.42
CA LEU A 214 8.99 -4.87 0.90
C LEU A 214 8.76 -5.97 1.94
N ALA A 215 9.72 -6.26 2.78
CA ALA A 215 9.57 -7.31 3.77
C ALA A 215 9.41 -6.75 5.18
N SER A 216 8.57 -7.41 5.98
CA SER A 216 8.35 -6.98 7.36
C SER A 216 8.15 -8.20 8.24
N PRO A 217 8.86 -8.27 9.35
CA PRO A 217 8.60 -9.36 10.29
C PRO A 217 7.59 -8.98 11.39
N TRP A 218 6.81 -9.95 11.85
CA TRP A 218 5.93 -9.76 13.01
C TRP A 218 6.61 -10.27 14.28
N THR A 219 7.05 -11.51 14.29
CA THR A 219 7.76 -12.06 15.45
C THR A 219 9.07 -12.68 15.00
N SER A 220 9.99 -12.63 15.96
CA SER A 220 11.17 -13.48 15.92
C SER A 220 10.81 -14.86 16.44
N PRO A 221 11.71 -15.82 16.22
CA PRO A 221 11.67 -17.07 16.95
C PRO A 221 11.47 -16.81 18.44
N THR A 222 10.72 -17.68 19.11
CA THR A 222 10.31 -17.41 20.46
C THR A 222 11.51 -17.50 21.43
N TRP A 223 12.54 -18.27 21.04
CA TRP A 223 13.70 -18.48 21.89
C TRP A 223 14.60 -17.24 21.89
N LEU A 224 14.28 -16.26 21.04
CA LEU A 224 14.97 -14.96 21.12
C LEU A 224 14.18 -13.95 21.97
N LYS A 225 13.01 -14.32 22.50
CA LYS A 225 12.11 -13.36 23.10
C LYS A 225 11.98 -13.55 24.60
N THR A 226 11.83 -12.43 25.30
CA THR A 226 11.74 -12.41 26.76
C THR A 226 10.56 -13.26 27.26
N ASN A 227 9.49 -13.36 26.50
CA ASN A 227 8.28 -14.05 26.94
C ASN A 227 8.16 -15.45 26.32
N GLY A 228 9.06 -15.82 25.41
CA GLY A 228 9.04 -17.17 24.84
C GLY A 228 7.73 -17.54 24.15
N ALA A 229 7.05 -16.57 23.55
CA ALA A 229 5.82 -16.81 22.82
C ALA A 229 5.79 -15.88 21.62
N VAL A 230 5.01 -16.25 20.59
CA VAL A 230 4.97 -15.43 19.36
C VAL A 230 4.16 -14.15 19.60
N ASN A 231 3.25 -14.19 20.56
CA ASN A 231 2.34 -13.09 20.84
C ASN A 231 2.56 -12.63 22.27
N GLY A 232 1.71 -11.76 22.82
CA GLY A 232 1.91 -11.28 24.16
C GLY A 232 2.95 -10.19 24.22
N LYS A 233 3.12 -9.62 25.40
CA LYS A 233 4.11 -8.61 25.62
C LYS A 233 5.49 -9.28 25.66
N GLY A 234 6.38 -8.83 24.81
CA GLY A 234 7.73 -9.36 24.87
C GLY A 234 8.58 -8.80 23.75
N SER A 235 9.86 -8.74 24.02
CA SER A 235 10.83 -8.12 23.17
C SER A 235 11.96 -9.12 22.97
N LEU A 236 12.94 -8.75 22.18
CA LEU A 236 14.17 -9.52 22.17
C LEU A 236 14.76 -9.52 23.56
N LYS A 237 15.34 -10.68 23.91
CA LYS A 237 16.17 -10.82 25.09
C LYS A 237 17.42 -9.96 24.96
N GLY A 238 17.96 -9.61 26.11
CA GLY A 238 19.21 -8.88 26.18
C GLY A 238 19.08 -7.45 25.70
N GLN A 239 20.12 -7.00 25.01
CA GLN A 239 20.21 -5.59 24.59
C GLN A 239 20.88 -5.54 23.22
N PRO A 240 20.54 -4.52 22.41
CA PRO A 240 21.20 -4.31 21.14
C PRO A 240 22.73 -4.46 21.24
N GLY A 241 23.26 -5.13 20.22
CA GLY A 241 24.69 -5.44 20.12
C GLY A 241 25.05 -6.81 20.65
N ASP A 242 24.11 -7.52 21.29
CA ASP A 242 24.42 -8.84 21.82
C ASP A 242 24.01 -9.96 20.89
N ILE A 243 24.23 -11.18 21.34
CA ILE A 243 23.97 -12.36 20.52
C ILE A 243 22.50 -12.45 20.05
N TYR A 244 21.57 -12.09 20.91
CA TYR A 244 20.17 -12.22 20.55
C TYR A 244 19.84 -11.26 19.40
N HIS A 245 20.34 -10.03 19.56
CA HIS A 245 20.09 -8.96 18.60
C HIS A 245 20.85 -9.23 17.30
N GLN A 246 22.08 -9.72 17.40
CA GLN A 246 22.83 -10.05 16.21
C GLN A 246 22.19 -11.22 15.47
N THR A 247 21.68 -12.22 16.20
CA THR A 247 20.98 -13.34 15.58
C THR A 247 19.74 -12.82 14.83
N TRP A 248 19.00 -11.93 15.48
CA TRP A 248 17.81 -11.38 14.84
C TRP A 248 18.20 -10.58 13.59
N ALA A 249 19.25 -9.76 13.65
CA ALA A 249 19.67 -9.04 12.45
C ALA A 249 20.07 -10.03 11.36
N ARG A 250 20.79 -11.07 11.72
CA ARG A 250 21.21 -12.07 10.79
C ARG A 250 20.02 -12.79 10.16
N TYR A 251 18.94 -12.93 10.88
CA TYR A 251 17.73 -13.53 10.32
C TYR A 251 17.20 -12.72 9.15
N PHE A 252 17.31 -11.39 9.21
CA PHE A 252 16.92 -10.61 8.05
C PHE A 252 17.77 -10.98 6.83
N VAL A 253 19.08 -11.11 7.02
CA VAL A 253 19.95 -11.48 5.91
C VAL A 253 19.63 -12.89 5.42
N LYS A 254 19.38 -13.82 6.34
CA LYS A 254 19.01 -15.19 5.94
C LYS A 254 17.71 -15.16 5.12
N PHE A 255 16.77 -14.32 5.51
CA PHE A 255 15.54 -14.20 4.76
C PHE A 255 15.80 -13.69 3.33
N LEU A 256 16.59 -12.63 3.23
CA LEU A 256 16.89 -12.05 1.91
C LEU A 256 17.69 -13.06 1.08
N ASP A 257 18.61 -13.75 1.72
CA ASP A 257 19.35 -14.81 1.04
C ASP A 257 18.41 -15.88 0.49
N ALA A 258 17.45 -16.29 1.31
CA ALA A 258 16.54 -17.37 0.93
C ALA A 258 15.65 -16.92 -0.25
N TYR A 259 15.11 -15.73 -0.15
CA TYR A 259 14.30 -15.22 -1.29
C TYR A 259 15.18 -15.04 -2.54
N ALA A 260 16.42 -14.63 -2.37
CA ALA A 260 17.32 -14.43 -3.53
C ALA A 260 17.60 -15.77 -4.20
N GLU A 261 17.65 -16.86 -3.42
CA GLU A 261 17.81 -18.20 -4.01
C GLU A 261 16.62 -18.49 -4.94
N HIS A 262 15.46 -17.92 -4.63
CA HIS A 262 14.27 -18.04 -5.49
C HIS A 262 14.18 -16.89 -6.50
N LYS A 263 15.25 -16.15 -6.71
CA LYS A 263 15.35 -15.11 -7.73
C LYS A 263 14.41 -13.95 -7.41
N LEU A 264 14.21 -13.67 -6.13
CA LEU A 264 13.47 -12.46 -5.73
C LEU A 264 14.38 -11.58 -4.86
N GLN A 265 14.42 -10.31 -5.22
CA GLN A 265 15.20 -9.31 -4.53
C GLN A 265 14.24 -8.29 -3.94
N PHE A 266 14.63 -7.71 -2.81
CA PHE A 266 13.81 -6.75 -2.10
C PHE A 266 14.28 -5.31 -2.32
N TRP A 267 13.30 -4.43 -2.43
CA TRP A 267 13.54 -3.01 -2.43
C TRP A 267 13.82 -2.52 -1.00
N ALA A 268 13.06 -3.00 -0.03
CA ALA A 268 13.18 -2.50 1.34
C ALA A 268 12.72 -3.58 2.32
N VAL A 269 13.14 -3.37 3.55
CA VAL A 269 12.61 -4.08 4.70
C VAL A 269 12.20 -3.05 5.73
N THR A 270 11.26 -3.41 6.59
CA THR A 270 10.98 -2.61 7.77
C THR A 270 11.65 -3.25 8.98
N ALA A 271 11.88 -2.44 9.99
CA ALA A 271 12.67 -2.89 11.12
C ALA A 271 11.87 -3.78 12.06
N GLU A 272 10.57 -3.83 11.87
CA GLU A 272 9.62 -4.60 12.66
C GLU A 272 8.20 -4.15 12.29
N ASN A 273 7.29 -5.06 12.04
CA ASN A 273 5.90 -4.63 11.93
C ASN A 273 5.37 -4.18 13.28
N GLU A 274 4.85 -2.96 13.36
CA GLU A 274 4.17 -2.46 14.53
C GLU A 274 4.90 -2.80 15.83
N PRO A 275 6.12 -2.29 15.96
CA PRO A 275 6.90 -2.58 17.18
C PRO A 275 6.20 -2.16 18.48
N SER A 276 5.31 -1.18 18.44
CA SER A 276 4.61 -0.76 19.65
C SER A 276 3.71 -1.90 20.16
N ALA A 277 3.26 -2.80 19.28
CA ALA A 277 2.27 -3.81 19.65
C ALA A 277 2.86 -4.75 20.69
N GLY A 278 4.12 -5.08 20.54
CA GLY A 278 4.74 -6.06 21.42
C GLY A 278 5.07 -5.49 22.79
N LEU A 279 4.78 -4.22 23.02
CA LEU A 279 4.91 -3.62 24.35
C LEU A 279 3.63 -3.80 25.16
N LEU A 280 2.57 -4.35 24.55
CA LEU A 280 1.25 -4.37 25.18
C LEU A 280 0.94 -5.74 25.79
N SER A 281 0.57 -5.72 27.06
CA SER A 281 0.13 -6.92 27.73
CA SER A 281 0.13 -6.93 27.74
C SER A 281 -1.01 -7.57 26.94
N GLY A 282 -0.90 -8.87 26.73
CA GLY A 282 -1.97 -9.63 26.12
C GLY A 282 -2.06 -9.43 24.62
N TYR A 283 -1.05 -8.82 23.98
CA TYR A 283 -1.19 -8.60 22.55
C TYR A 283 -1.54 -9.93 21.86
N PRO A 284 -2.64 -9.94 21.09
CA PRO A 284 -3.20 -11.24 20.68
C PRO A 284 -2.43 -12.09 19.66
N PHE A 285 -1.60 -11.49 18.84
CA PHE A 285 -0.95 -12.26 17.77
C PHE A 285 0.51 -11.84 17.63
N GLN A 286 1.17 -12.34 16.59
CA GLN A 286 2.59 -12.25 16.46
C GLN A 286 3.05 -10.80 16.54
N CYS A 287 4.05 -10.58 17.40
CA CYS A 287 4.58 -9.25 17.61
C CYS A 287 5.99 -9.35 18.18
N LEU A 288 6.66 -8.22 18.27
CA LEU A 288 7.97 -8.12 18.85
C LEU A 288 8.16 -6.67 19.28
N GLY A 289 8.18 -6.47 20.57
CA GLY A 289 8.07 -5.13 21.10
C GLY A 289 9.40 -4.41 21.05
N PHE A 290 9.38 -3.18 20.53
CA PHE A 290 10.49 -2.26 20.66
C PHE A 290 9.96 -0.90 21.09
N THR A 291 10.54 -0.31 22.12
CA THR A 291 10.45 1.13 22.33
C THR A 291 11.22 1.82 21.21
N PRO A 292 10.98 3.13 21.01
CA PRO A 292 11.76 3.79 19.98
C PRO A 292 13.27 3.75 20.28
N GLU A 293 13.66 3.82 21.55
CA GLU A 293 15.06 3.73 21.92
C GLU A 293 15.62 2.35 21.56
N HIS A 294 14.85 1.29 21.82
CA HIS A 294 15.28 -0.06 21.48
C HIS A 294 15.42 -0.19 19.98
N GLN A 295 14.45 0.33 19.23
CA GLN A 295 14.57 0.29 17.77
C GLN A 295 15.80 1.07 17.30
N ARG A 296 16.00 2.25 17.85
CA ARG A 296 17.16 3.10 17.53
C ARG A 296 18.46 2.29 17.68
N ASP A 297 18.60 1.66 18.83
CA ASP A 297 19.86 0.97 19.16
C ASP A 297 20.00 -0.32 18.38
N PHE A 298 18.90 -1.01 18.14
CA PHE A 298 18.92 -2.19 17.30
C PHE A 298 19.36 -1.85 15.87
N ILE A 299 18.80 -0.77 15.32
CA ILE A 299 19.20 -0.35 14.00
C ILE A 299 20.68 0.05 13.98
N ALA A 300 21.10 0.84 14.93
CA ALA A 300 22.47 1.35 14.93
C ALA A 300 23.51 0.24 15.13
N ARG A 301 23.23 -0.71 16.01
CA ARG A 301 24.25 -1.65 16.46
C ARG A 301 24.18 -2.94 15.65
N ASP A 302 22.98 -3.33 15.23
CA ASP A 302 22.77 -4.65 14.75
C ASP A 302 22.23 -4.67 13.33
N LEU A 303 21.03 -4.15 13.10
CA LEU A 303 20.40 -4.35 11.80
C LEU A 303 21.09 -3.52 10.72
N GLY A 304 21.38 -2.25 10.98
CA GLY A 304 22.06 -1.39 9.99
C GLY A 304 23.39 -1.99 9.56
N PRO A 305 24.29 -2.22 10.52
CA PRO A 305 25.58 -2.80 10.19
C PRO A 305 25.47 -4.18 9.50
N THR A 306 24.54 -5.03 9.95
CA THR A 306 24.45 -6.36 9.36
C THR A 306 23.99 -6.27 7.90
N LEU A 307 22.99 -5.46 7.63
CA LEU A 307 22.52 -5.31 6.24
C LEU A 307 23.64 -4.69 5.38
N ALA A 308 24.30 -3.68 5.92
CA ALA A 308 25.32 -2.93 5.16
C ALA A 308 26.49 -3.84 4.81
N ASN A 309 26.78 -4.83 5.67
CA ASN A 309 27.88 -5.78 5.47
C ASN A 309 27.49 -6.89 4.49
N SER A 310 26.22 -7.01 4.12
CA SER A 310 25.74 -8.15 3.38
C SER A 310 25.69 -7.82 1.89
N THR A 311 25.45 -8.83 1.06
CA THR A 311 25.24 -8.62 -0.37
C THR A 311 23.95 -7.82 -0.63
N HIS A 312 23.10 -7.68 0.39
CA HIS A 312 21.80 -7.00 0.29
C HIS A 312 21.89 -5.55 0.76
N HIS A 313 23.10 -4.99 0.77
CA HIS A 313 23.30 -3.65 1.30
C HIS A 313 22.46 -2.58 0.59
N ASN A 314 22.01 -2.81 -0.64
CA ASN A 314 21.20 -1.83 -1.37
C ASN A 314 19.74 -1.87 -0.92
N VAL A 315 19.34 -2.89 -0.18
CA VAL A 315 17.99 -2.94 0.36
C VAL A 315 17.82 -1.79 1.35
N ARG A 316 16.74 -1.03 1.23
CA ARG A 316 16.49 0.09 2.08
C ARG A 316 15.87 -0.37 3.39
N LEU A 317 16.18 0.35 4.45
CA LEU A 317 15.63 0.08 5.75
C LEU A 317 14.63 1.17 6.13
N LEU A 318 13.41 0.77 6.42
CA LEU A 318 12.38 1.67 6.85
C LEU A 318 12.11 1.44 8.34
N MET A 319 12.07 2.50 9.12
CA MET A 319 11.76 2.43 10.54
C MET A 319 10.26 2.61 10.77
N LEU A 320 9.85 2.42 12.02
CA LEU A 320 8.49 2.60 12.55
C LEU A 320 7.57 1.49 12.08
N ASP A 321 7.04 1.54 10.84
CA ASP A 321 6.11 0.54 10.36
C ASP A 321 4.95 0.39 11.31
N ASP A 322 4.37 1.52 11.69
CA ASP A 322 3.41 1.58 12.76
C ASP A 322 2.54 2.82 12.57
N GLN A 323 1.63 3.01 13.50
CA GLN A 323 0.60 4.04 13.35
C GLN A 323 1.18 5.44 13.59
N ARG A 324 0.49 6.41 13.02
CA ARG A 324 1.06 7.74 12.87
C ARG A 324 1.14 8.52 14.16
N LEU A 325 0.34 8.24 15.22
CA LEU A 325 0.45 9.03 16.43
C LEU A 325 1.77 8.75 17.18
N LEU A 326 2.53 7.77 16.72
CA LEU A 326 3.86 7.57 17.24
C LEU A 326 4.84 8.59 16.67
N LEU A 327 4.44 9.35 15.68
CA LEU A 327 5.24 10.44 15.09
C LEU A 327 4.75 11.79 15.62
N PRO A 328 5.66 12.76 15.75
CA PRO A 328 7.07 12.69 15.32
C PRO A 328 8.02 12.06 16.35
N HIS A 329 7.54 11.74 17.56
CA HIS A 329 8.40 11.24 18.62
C HIS A 329 9.33 10.10 18.17
N TRP A 330 8.81 9.09 17.51
CA TRP A 330 9.66 7.94 17.13
C TRP A 330 10.75 8.37 16.16
N ALA A 331 10.41 9.24 15.22
CA ALA A 331 11.39 9.76 14.27
C ALA A 331 12.46 10.55 15.00
N LYS A 332 12.04 11.36 15.98
CA LYS A 332 13.02 12.14 16.76
C LYS A 332 13.98 11.19 17.48
N VAL A 333 13.44 10.18 18.14
CA VAL A 333 14.30 9.32 18.94
C VAL A 333 15.30 8.61 18.04
N VAL A 334 14.85 8.07 16.91
CA VAL A 334 15.75 7.28 16.09
C VAL A 334 16.69 8.18 15.29
N LEU A 335 16.16 9.22 14.68
CA LEU A 335 16.91 9.93 13.63
C LEU A 335 17.83 11.01 14.23
N THR A 336 17.70 11.33 15.50
CA THR A 336 18.63 12.28 16.10
C THR A 336 19.87 11.54 16.62
N ASP A 337 19.88 10.20 16.56
CA ASP A 337 21.11 9.43 16.83
C ASP A 337 21.81 9.20 15.51
N PRO A 338 22.97 9.83 15.29
CA PRO A 338 23.56 9.74 13.95
C PRO A 338 23.93 8.31 13.56
N GLU A 339 24.25 7.48 14.55
CA GLU A 339 24.61 6.11 14.23
C GLU A 339 23.41 5.26 13.80
N ALA A 340 22.22 5.59 14.24
CA ALA A 340 21.02 4.96 13.73
C ALA A 340 20.61 5.63 12.41
N ALA A 341 20.69 6.97 12.38
CA ALA A 341 20.14 7.71 11.25
C ALA A 341 20.82 7.29 9.94
N LYS A 342 22.11 6.96 9.99
CA LYS A 342 22.83 6.69 8.75
C LYS A 342 22.34 5.40 8.09
N TYR A 343 21.57 4.58 8.81
CA TYR A 343 21.05 3.35 8.25
C TYR A 343 19.57 3.45 7.87
N VAL A 344 18.88 4.52 8.25
CA VAL A 344 17.44 4.57 8.05
C VAL A 344 17.14 5.36 6.77
N HIS A 345 16.54 4.70 5.81
CA HIS A 345 16.18 5.34 4.54
C HIS A 345 14.82 6.03 4.61
N GLY A 346 13.91 5.56 5.41
CA GLY A 346 12.55 6.09 5.38
C GLY A 346 11.78 5.66 6.61
N ILE A 347 10.59 6.21 6.74
CA ILE A 347 9.68 5.95 7.84
C ILE A 347 8.43 5.36 7.25
N ALA A 348 8.09 4.14 7.65
CA ALA A 348 6.91 3.44 7.19
C ALA A 348 5.79 3.68 8.19
N VAL A 349 4.60 4.00 7.64
CA VAL A 349 3.43 4.30 8.45
CA VAL A 349 3.44 4.29 8.48
C VAL A 349 2.27 3.37 8.08
N HIS A 350 1.52 2.99 9.11
CA HIS A 350 0.29 2.23 8.96
C HIS A 350 -0.90 3.13 9.18
N TRP A 351 -1.96 2.84 8.41
CA TRP A 351 -3.20 3.59 8.42
C TRP A 351 -4.36 2.66 8.74
N TYR A 352 -4.87 2.67 9.96
CA TYR A 352 -6.11 2.00 10.25
C TYR A 352 -7.24 3.00 9.97
N LEU A 353 -7.86 2.83 8.82
CA LEU A 353 -8.73 3.84 8.26
C LEU A 353 -10.04 3.93 9.07
N ASP A 354 -10.30 2.91 9.89
CA ASP A 354 -11.43 2.91 10.80
C ASP A 354 -11.33 3.96 11.92
N PHE A 355 -10.12 4.50 12.15
CA PHE A 355 -9.86 5.28 13.36
C PHE A 355 -9.31 6.67 12.98
N LEU A 356 -9.65 7.65 13.79
CA LEU A 356 -9.23 9.02 13.58
C LEU A 356 -7.86 9.29 14.19
N ALA A 357 -7.05 10.06 13.47
CA ALA A 357 -5.83 10.57 14.06
C ALA A 357 -5.37 11.77 13.23
N PRO A 358 -4.67 12.69 13.89
CA PRO A 358 -4.19 13.84 13.15
C PRO A 358 -3.12 13.51 12.09
N ALA A 359 -3.10 14.29 11.01
CA ALA A 359 -2.13 14.13 9.90
C ALA A 359 -1.05 15.22 10.00
N LYS A 360 -1.46 16.46 10.16
CA LYS A 360 -0.49 17.54 10.17
C LYS A 360 0.44 17.39 11.37
N ALA A 361 -0.09 17.06 12.54
CA ALA A 361 0.73 16.97 13.72
C ALA A 361 1.63 15.72 13.69
N THR A 362 1.37 14.77 12.81
CA THR A 362 2.16 13.54 12.80
C THR A 362 3.04 13.55 11.54
N LEU A 363 2.48 13.29 10.40
CA LEU A 363 3.22 13.29 9.14
C LEU A 363 3.79 14.67 8.84
N GLY A 364 3.00 15.71 9.04
CA GLY A 364 3.44 17.04 8.69
C GLY A 364 4.66 17.45 9.49
N GLU A 365 4.57 17.27 10.81
CA GLU A 365 5.63 17.66 11.69
C GLU A 365 6.88 16.79 11.42
N THR A 366 6.68 15.52 11.11
CA THR A 366 7.82 14.63 10.84
C THR A 366 8.56 15.09 9.58
N HIS A 367 7.84 15.42 8.52
CA HIS A 367 8.46 15.93 7.34
C HIS A 367 9.19 17.26 7.62
N ARG A 368 8.60 18.11 8.46
CA ARG A 368 9.24 19.40 8.76
C ARG A 368 10.57 19.14 9.47
N LEU A 369 10.60 18.20 10.41
CA LEU A 369 11.79 17.95 11.23
C LEU A 369 12.83 17.13 10.45
N PHE A 370 12.38 16.26 9.57
CA PHE A 370 13.25 15.30 8.90
C PHE A 370 12.90 15.23 7.42
N PRO A 371 13.07 16.35 6.71
CA PRO A 371 12.59 16.41 5.33
C PRO A 371 13.32 15.45 4.36
N ASN A 372 14.48 14.97 4.75
CA ASN A 372 15.26 14.15 3.85
C ASN A 372 15.03 12.66 4.09
N THR A 373 14.13 12.33 5.01
CA THR A 373 13.80 10.93 5.29
C THR A 373 12.39 10.67 4.77
N MET A 374 12.31 9.87 3.75
CA MET A 374 11.03 9.70 3.09
CA MET A 374 11.02 9.73 3.10
C MET A 374 10.00 9.06 4.04
N LEU A 375 8.76 9.41 3.84
CA LEU A 375 7.60 8.79 4.48
C LEU A 375 6.93 7.87 3.47
N PHE A 376 6.50 6.71 3.91
CA PHE A 376 5.94 5.68 3.05
C PHE A 376 4.81 4.99 3.80
N ALA A 377 3.66 4.79 3.20
CA ALA A 377 2.55 4.12 3.87
C ALA A 377 2.67 2.65 3.51
N SER A 378 2.98 1.84 4.52
CA SER A 378 3.27 0.42 4.30
C SER A 378 2.09 -0.50 4.60
N GLU A 379 0.99 -0.02 5.17
CA GLU A 379 -0.14 -0.87 5.41
C GLU A 379 -1.33 0.02 5.68
N ALA A 380 -2.44 -0.35 5.09
CA ALA A 380 -3.70 0.31 5.38
C ALA A 380 -4.81 -0.73 5.33
N CYS A 381 -5.80 -0.51 6.17
CA CYS A 381 -6.96 -1.37 6.02
C CYS A 381 -8.17 -0.75 6.70
N VAL A 382 -9.32 -1.34 6.37
CA VAL A 382 -10.58 -0.95 6.92
CA VAL A 382 -10.62 -0.94 6.92
C VAL A 382 -11.36 -2.21 7.30
N GLY A 383 -12.35 -2.06 8.15
CA GLY A 383 -13.21 -3.18 8.53
C GLY A 383 -12.77 -3.86 9.80
N SER A 384 -11.80 -3.30 10.52
CA SER A 384 -11.21 -4.02 11.66
C SER A 384 -12.05 -3.87 12.95
N LYS A 385 -12.97 -2.93 13.04
CA LYS A 385 -13.80 -2.81 14.25
C LYS A 385 -14.65 -4.08 14.43
N PHE A 386 -14.66 -4.59 15.65
CA PHE A 386 -15.33 -5.86 15.87
C PHE A 386 -16.80 -5.73 15.53
N TRP A 387 -17.38 -4.53 15.64
CA TRP A 387 -18.80 -4.33 15.51
C TRP A 387 -19.26 -3.92 14.13
N GLU A 388 -18.34 -3.87 13.20
CA GLU A 388 -18.70 -3.61 11.84
C GLU A 388 -18.38 -4.86 11.03
N GLN A 389 -19.16 -5.09 10.01
CA GLN A 389 -18.96 -6.21 9.16
C GLN A 389 -17.56 -6.10 8.56
N SER A 390 -16.78 -7.16 8.68
CA SER A 390 -15.42 -7.14 8.20
C SER A 390 -15.36 -6.86 6.70
N VAL A 391 -16.19 -7.58 5.96
CA VAL A 391 -16.31 -7.38 4.54
C VAL A 391 -17.68 -6.79 4.24
N ARG A 392 -17.70 -5.61 3.64
N ARG A 392 -17.69 -5.61 3.64
CA ARG A 392 -18.95 -5.01 3.20
CA ARG A 392 -18.93 -5.01 3.18
C ARG A 392 -18.91 -4.94 1.68
C ARG A 392 -18.89 -4.95 1.66
N LEU A 393 -19.49 -5.92 1.02
CA LEU A 393 -19.36 -6.04 -0.45
C LEU A 393 -20.11 -4.88 -1.12
N GLY A 394 -19.34 -4.00 -1.74
CA GLY A 394 -19.89 -2.88 -2.46
C GLY A 394 -19.92 -1.58 -1.69
N SER A 395 -19.26 -1.49 -0.54
CA SER A 395 -19.28 -0.23 0.25
C SER A 395 -18.54 0.90 -0.47
N TRP A 396 -19.29 1.89 -0.95
CA TRP A 396 -18.65 3.07 -1.53
C TRP A 396 -17.88 3.83 -0.45
N ASP A 397 -18.41 3.88 0.75
CA ASP A 397 -17.72 4.59 1.83
C ASP A 397 -16.34 4.04 2.06
N ARG A 398 -16.16 2.72 2.05
CA ARG A 398 -14.84 2.19 2.28
C ARG A 398 -13.94 2.51 1.12
N GLY A 399 -14.49 2.55 -0.10
CA GLY A 399 -13.73 3.04 -1.23
C GLY A 399 -13.24 4.47 -0.99
N MET A 400 -14.14 5.34 -0.61
CA MET A 400 -13.78 6.75 -0.36
C MET A 400 -12.76 6.82 0.77
N GLN A 401 -12.80 5.93 1.77
CA GLN A 401 -11.77 5.98 2.79
C GLN A 401 -10.41 5.68 2.19
N TYR A 402 -10.32 4.76 1.25
CA TYR A 402 -9.08 4.43 0.59
C TYR A 402 -8.57 5.66 -0.17
N SER A 403 -9.40 6.23 -1.05
CA SER A 403 -8.89 7.33 -1.87
C SER A 403 -8.64 8.58 -1.03
N HIS A 404 -9.48 8.85 -0.07
CA HIS A 404 -9.20 10.00 0.80
C HIS A 404 -7.88 9.80 1.55
N SER A 405 -7.59 8.59 1.99
CA SER A 405 -6.33 8.31 2.66
C SER A 405 -5.16 8.50 1.70
N ILE A 406 -5.26 8.02 0.50
CA ILE A 406 -4.21 8.15 -0.44
C ILE A 406 -3.94 9.63 -0.71
N ILE A 407 -5.01 10.40 -0.93
CA ILE A 407 -4.81 11.84 -1.17
C ILE A 407 -4.14 12.48 0.05
N THR A 408 -4.63 12.16 1.23
CA THR A 408 -4.03 12.69 2.47
C THR A 408 -2.54 12.39 2.52
N ASN A 409 -2.23 11.14 2.27
CA ASN A 409 -0.84 10.73 2.29
C ASN A 409 0.00 11.52 1.25
N LEU A 410 -0.51 11.59 0.00
CA LEU A 410 0.28 12.28 -1.01
C LEU A 410 0.42 13.77 -0.69
N LEU A 411 -0.55 14.40 -0.07
CA LEU A 411 -0.47 15.83 0.23
C LEU A 411 0.40 16.06 1.46
N TYR A 412 0.74 15.01 2.19
CA TYR A 412 1.66 15.10 3.32
C TYR A 412 2.96 14.39 2.99
N HIS A 413 3.39 14.38 1.76
CA HIS A 413 4.75 14.07 1.31
C HIS A 413 5.02 12.58 1.25
N VAL A 414 4.00 11.74 1.46
CA VAL A 414 4.25 10.30 1.49
C VAL A 414 4.49 9.77 0.07
N VAL A 415 5.45 8.87 -0.11
CA VAL A 415 5.94 8.50 -1.41
C VAL A 415 5.26 7.23 -1.95
N GLY A 416 4.46 6.54 -1.16
CA GLY A 416 3.81 5.37 -1.71
C GLY A 416 2.78 4.92 -0.73
N TRP A 417 1.93 3.99 -1.18
CA TRP A 417 0.80 3.55 -0.36
C TRP A 417 0.56 2.08 -0.64
N THR A 418 0.59 1.31 0.44
CA THR A 418 0.52 -0.12 0.36
C THR A 418 -0.69 -0.63 1.14
N ASP A 419 -1.58 -1.30 0.42
CA ASP A 419 -2.71 -1.94 1.05
C ASP A 419 -2.24 -3.14 1.87
N TRP A 420 -3.15 -3.62 2.71
CA TRP A 420 -2.92 -4.85 3.45
C TRP A 420 -3.26 -6.02 2.53
N ASN A 421 -3.93 -7.06 3.05
CA ASN A 421 -4.11 -8.28 2.31
C ASN A 421 -4.64 -8.06 0.90
N LEU A 422 -3.98 -8.66 -0.10
CA LEU A 422 -4.42 -8.51 -1.48
C LEU A 422 -5.78 -9.15 -1.73
N ALA A 423 -6.13 -10.17 -0.98
CA ALA A 423 -7.43 -10.80 -1.19
C ALA A 423 -7.83 -11.49 0.11
N LEU A 424 -9.11 -11.49 0.44
CA LEU A 424 -9.63 -12.19 1.59
C LEU A 424 -10.89 -12.96 1.19
N ASN A 425 -11.35 -13.83 2.07
CA ASN A 425 -12.59 -14.54 1.89
C ASN A 425 -13.76 -13.65 2.36
N PRO A 426 -15.00 -14.11 2.18
CA PRO A 426 -16.13 -13.25 2.60
C PRO A 426 -16.25 -12.94 4.08
N GLU A 427 -15.57 -13.69 4.91
CA GLU A 427 -15.48 -13.43 6.34
C GLU A 427 -14.39 -12.41 6.63
N GLY A 428 -13.55 -12.09 5.67
CA GLY A 428 -12.40 -11.23 5.94
C GLY A 428 -11.19 -11.99 6.45
N GLY A 429 -11.11 -13.28 6.10
CA GLY A 429 -10.07 -14.16 6.56
C GLY A 429 -9.41 -14.96 5.42
N PRO A 430 -8.71 -16.03 5.77
CA PRO A 430 -8.55 -16.52 7.12
C PRO A 430 -7.58 -15.73 8.00
N ASN A 431 -7.72 -15.95 9.32
CA ASN A 431 -6.93 -15.22 10.30
C ASN A 431 -7.01 -16.01 11.58
N TRP A 432 -5.85 -16.44 12.08
CA TRP A 432 -5.87 -17.42 13.16
C TRP A 432 -6.39 -16.83 14.48
N VAL A 433 -6.45 -15.51 14.63
CA VAL A 433 -7.08 -14.93 15.81
C VAL A 433 -8.40 -14.23 15.48
N ARG A 434 -8.92 -14.51 14.29
CA ARG A 434 -10.23 -13.99 13.84
C ARG A 434 -10.20 -12.45 13.81
N ASN A 435 -9.04 -11.87 13.52
CA ASN A 435 -8.89 -10.41 13.38
C ASN A 435 -9.23 -10.03 11.93
N PHE A 436 -10.46 -10.31 11.54
CA PHE A 436 -10.89 -10.18 10.15
C PHE A 436 -11.05 -8.71 9.77
N VAL A 437 -10.79 -8.41 8.50
CA VAL A 437 -10.91 -7.05 7.96
C VAL A 437 -11.38 -7.17 6.50
N ASP A 438 -11.54 -6.04 5.83
CA ASP A 438 -11.97 -6.02 4.46
C ASP A 438 -10.74 -6.05 3.55
N SER A 439 -10.96 -6.28 2.27
CA SER A 439 -9.89 -6.30 1.26
C SER A 439 -10.48 -5.84 -0.07
N PRO A 440 -9.70 -5.21 -0.96
CA PRO A 440 -10.27 -4.85 -2.23
C PRO A 440 -10.75 -5.99 -3.12
N ILE A 441 -10.26 -7.19 -2.90
CA ILE A 441 -10.75 -8.33 -3.63
C ILE A 441 -11.15 -9.41 -2.64
N ILE A 442 -12.38 -9.89 -2.83
CA ILE A 442 -13.00 -10.89 -1.95
C ILE A 442 -13.27 -12.14 -2.79
N VAL A 443 -12.75 -13.25 -2.31
CA VAL A 443 -12.83 -14.52 -3.07
CA VAL A 443 -12.83 -14.52 -3.07
C VAL A 443 -13.94 -15.39 -2.51
N ASP A 444 -14.80 -15.88 -3.39
CA ASP A 444 -15.82 -16.85 -3.03
C ASP A 444 -15.55 -18.14 -3.77
N ILE A 445 -14.84 -19.01 -3.10
CA ILE A 445 -14.36 -20.22 -3.78
C ILE A 445 -15.50 -21.18 -4.12
N THR A 446 -16.65 -21.10 -3.42
CA THR A 446 -17.75 -22.02 -3.70
C THR A 446 -18.32 -21.72 -5.08
N LYS A 447 -18.08 -20.52 -5.61
CA LYS A 447 -18.58 -20.10 -6.94
C LYS A 447 -17.40 -19.88 -7.89
N ASP A 448 -16.20 -20.20 -7.45
CA ASP A 448 -14.99 -19.83 -8.20
C ASP A 448 -15.06 -18.43 -8.73
N THR A 449 -15.40 -17.51 -7.85
CA THR A 449 -15.70 -16.13 -8.19
C THR A 449 -14.90 -15.22 -7.26
N PHE A 450 -14.56 -14.02 -7.73
CA PHE A 450 -14.05 -12.99 -6.85
C PHE A 450 -14.73 -11.68 -7.19
N TYR A 451 -14.77 -10.82 -6.17
CA TYR A 451 -15.48 -9.58 -6.22
C TYR A 451 -14.48 -8.46 -6.02
N LYS A 452 -14.51 -7.49 -6.94
CA LYS A 452 -13.67 -6.32 -6.83
C LYS A 452 -14.49 -5.20 -6.19
N GLN A 453 -14.05 -4.81 -5.00
CA GLN A 453 -14.73 -3.85 -4.16
C GLN A 453 -14.51 -2.42 -4.67
N PRO A 454 -15.37 -1.49 -4.27
CA PRO A 454 -15.06 -0.08 -4.53
C PRO A 454 -13.62 0.27 -4.16
N MET A 455 -13.13 -0.26 -3.05
CA MET A 455 -11.73 0.02 -2.64
CA MET A 455 -11.74 0.01 -2.63
C MET A 455 -10.74 -0.27 -3.76
N PHE A 456 -10.96 -1.36 -4.53
CA PHE A 456 -10.07 -1.70 -5.61
C PHE A 456 -9.98 -0.54 -6.59
N TYR A 457 -11.12 -0.01 -6.97
CA TYR A 457 -11.17 1.04 -8.00
C TYR A 457 -10.65 2.36 -7.43
N HIS A 458 -10.99 2.66 -6.19
CA HIS A 458 -10.46 3.88 -5.55
C HIS A 458 -8.94 3.82 -5.51
N LEU A 459 -8.38 2.67 -5.16
CA LEU A 459 -6.92 2.56 -5.19
C LEU A 459 -6.42 2.68 -6.63
N GLY A 460 -7.07 2.01 -7.58
CA GLY A 460 -6.62 2.00 -8.96
C GLY A 460 -6.61 3.37 -9.61
N HIS A 461 -7.49 4.26 -9.17
CA HIS A 461 -7.47 5.65 -9.68
C HIS A 461 -6.11 6.33 -9.46
N PHE A 462 -5.33 5.82 -8.51
CA PHE A 462 -4.00 6.27 -8.25
C PHE A 462 -2.98 5.30 -8.86
N SER A 463 -3.07 4.02 -8.48
CA SER A 463 -2.01 3.10 -8.83
C SER A 463 -1.85 2.97 -10.34
N LYS A 464 -2.96 2.98 -11.08
CA LYS A 464 -2.88 2.73 -12.49
C LYS A 464 -2.20 3.88 -13.24
N PHE A 465 -2.28 5.08 -12.64
CA PHE A 465 -2.04 6.31 -13.39
C PHE A 465 -0.88 7.11 -12.82
N ILE A 466 -0.13 6.56 -11.87
CA ILE A 466 0.99 7.25 -11.26
C ILE A 466 2.18 6.30 -11.29
N PRO A 467 2.95 6.35 -12.37
CA PRO A 467 4.14 5.53 -12.50
C PRO A 467 5.17 5.87 -11.42
N GLU A 468 5.96 4.90 -11.03
CA GLU A 468 7.11 5.14 -10.19
C GLU A 468 7.97 6.25 -10.77
N GLY A 469 8.35 7.17 -9.86
CA GLY A 469 9.15 8.32 -10.27
C GLY A 469 8.32 9.53 -10.62
N SER A 470 7.00 9.41 -10.62
CA SER A 470 6.13 10.58 -10.75
C SER A 470 6.42 11.52 -9.60
N GLN A 471 6.14 12.79 -9.77
CA GLN A 471 6.40 13.76 -8.74
C GLN A 471 5.11 14.51 -8.43
N ARG A 472 4.73 14.58 -7.17
N ARG A 472 4.74 14.57 -7.17
CA ARG A 472 3.59 15.42 -6.83
CA ARG A 472 3.60 15.35 -6.77
C ARG A 472 3.92 16.88 -7.13
C ARG A 472 3.90 16.83 -7.08
N VAL A 473 2.92 17.56 -7.66
CA VAL A 473 3.04 18.98 -7.92
C VAL A 473 1.83 19.69 -7.32
N GLY A 474 1.90 20.99 -7.29
CA GLY A 474 0.86 21.76 -6.67
C GLY A 474 -0.39 21.85 -7.53
N LEU A 475 -1.50 22.15 -6.87
CA LEU A 475 -2.78 22.30 -7.52
C LEU A 475 -3.58 23.26 -6.64
N VAL A 476 -3.87 24.43 -7.16
CA VAL A 476 -4.44 25.53 -6.36
C VAL A 476 -5.91 25.71 -6.76
N ALA A 477 -6.79 25.73 -5.77
CA ALA A 477 -8.22 25.99 -6.02
C ALA A 477 -8.51 27.49 -5.88
N SER A 478 -9.32 27.99 -6.80
CA SER A 478 -9.66 29.41 -6.84
C SER A 478 -10.69 29.77 -5.76
N GLN A 479 -11.42 28.79 -5.23
CA GLN A 479 -12.43 29.07 -4.22
C GLN A 479 -12.60 27.86 -3.33
N LYS A 480 -13.16 28.09 -2.16
CA LYS A 480 -13.52 27.04 -1.24
C LYS A 480 -14.44 26.04 -1.97
N ASN A 481 -14.24 24.77 -1.69
CA ASN A 481 -14.96 23.71 -2.35
C ASN A 481 -14.91 22.46 -1.48
N ASP A 482 -15.75 21.50 -1.85
CA ASP A 482 -15.85 20.26 -1.10
C ASP A 482 -15.03 19.11 -1.65
N LEU A 483 -14.25 19.35 -2.70
CA LEU A 483 -13.51 18.29 -3.39
C LEU A 483 -12.15 18.06 -2.74
N ASP A 484 -11.66 16.85 -2.90
CA ASP A 484 -10.31 16.45 -2.53
C ASP A 484 -9.56 16.17 -3.79
N ALA A 485 -8.34 16.67 -3.92
CA ALA A 485 -7.61 16.47 -5.19
C ALA A 485 -6.11 16.44 -4.98
N VAL A 486 -5.43 15.83 -5.92
CA VAL A 486 -4.00 15.83 -5.94
C VAL A 486 -3.53 15.81 -7.40
N ALA A 487 -2.42 16.43 -7.69
CA ALA A 487 -1.84 16.48 -9.01
C ALA A 487 -0.42 15.95 -8.98
N LEU A 488 -0.01 15.26 -10.02
CA LEU A 488 1.36 14.78 -10.17
C LEU A 488 1.80 14.91 -11.60
N MET A 489 3.12 14.86 -11.79
CA MET A 489 3.71 14.86 -13.10
C MET A 489 4.44 13.53 -13.29
N HIS A 490 4.14 12.85 -14.38
CA HIS A 490 4.87 11.61 -14.70
C HIS A 490 6.33 11.89 -15.03
N PRO A 491 7.19 10.85 -14.96
CA PRO A 491 8.56 11.03 -15.39
C PRO A 491 8.74 11.61 -16.80
N ASP A 492 7.80 11.32 -17.70
CA ASP A 492 7.88 11.84 -19.05
C ASP A 492 7.23 13.23 -19.20
N GLY A 493 6.79 13.84 -18.09
CA GLY A 493 6.29 15.20 -18.12
C GLY A 493 4.78 15.27 -18.20
N SER A 494 4.10 14.17 -18.40
CA SER A 494 2.63 14.16 -18.54
C SER A 494 1.98 14.47 -17.19
N ALA A 495 0.77 14.99 -17.25
CA ALA A 495 0.04 15.36 -16.04
C ALA A 495 -1.00 14.34 -15.66
N VAL A 496 -1.19 14.15 -14.37
CA VAL A 496 -2.26 13.35 -13.81
C VAL A 496 -2.88 14.11 -12.63
N VAL A 497 -4.21 14.16 -12.57
CA VAL A 497 -4.92 14.77 -11.48
C VAL A 497 -6.02 13.83 -11.02
N VAL A 498 -6.12 13.57 -9.74
CA VAL A 498 -7.19 12.79 -9.19
C VAL A 498 -8.11 13.72 -8.41
N VAL A 499 -9.40 13.62 -8.68
CA VAL A 499 -10.41 14.44 -8.00
C VAL A 499 -11.44 13.50 -7.37
N LEU A 500 -11.57 13.60 -6.06
CA LEU A 500 -12.53 12.83 -5.29
C LEU A 500 -13.61 13.76 -4.78
N ASN A 501 -14.87 13.36 -4.97
CA ASN A 501 -16.01 14.08 -4.46
C ASN A 501 -16.77 13.18 -3.49
N ARG A 502 -16.62 13.45 -2.20
CA ARG A 502 -17.27 12.71 -1.15
C ARG A 502 -18.64 13.31 -0.84
N SER A 503 -18.98 14.42 -1.51
CA SER A 503 -20.25 15.11 -1.35
C SER A 503 -21.30 14.54 -2.31
N SER A 504 -22.56 14.86 -2.03
CA SER A 504 -23.65 14.41 -2.88
C SER A 504 -23.87 15.33 -4.08
N LYS A 505 -23.17 16.44 -4.19
CA LYS A 505 -23.46 17.46 -5.21
C LYS A 505 -22.49 17.37 -6.38
N ASP A 506 -23.00 17.48 -7.60
CA ASP A 506 -22.17 17.57 -8.79
C ASP A 506 -21.51 18.93 -8.83
N VAL A 507 -20.21 18.97 -9.01
CA VAL A 507 -19.43 20.19 -8.95
C VAL A 507 -18.78 20.43 -10.31
N PRO A 508 -19.27 21.43 -11.08
CA PRO A 508 -18.59 21.83 -12.32
C PRO A 508 -17.24 22.44 -11.93
N LEU A 509 -16.21 22.16 -12.71
CA LEU A 509 -14.92 22.76 -12.40
C LEU A 509 -14.10 22.84 -13.69
N THR A 510 -13.04 23.62 -13.61
CA THR A 510 -12.14 23.73 -14.71
C THR A 510 -10.73 23.46 -14.17
N ILE A 511 -9.95 22.66 -14.88
CA ILE A 511 -8.51 22.51 -14.55
C ILE A 511 -7.75 23.37 -15.55
N LYS A 512 -6.86 24.23 -15.03
CA LYS A 512 -6.00 25.04 -15.88
C LYS A 512 -4.58 24.49 -15.80
N ASP A 513 -4.02 24.19 -16.93
CA ASP A 513 -2.61 23.88 -17.02
C ASP A 513 -2.04 25.05 -17.71
N PRO A 514 -1.32 25.98 -16.99
CA PRO A 514 -0.89 27.23 -17.54
C PRO A 514 -0.09 27.07 -18.84
N ALA A 515 0.61 25.94 -19.01
CA ALA A 515 1.36 25.70 -20.26
C ALA A 515 0.42 25.35 -21.42
N VAL A 516 -0.74 24.76 -21.16
CA VAL A 516 -1.38 23.86 -22.12
C VAL A 516 -2.83 24.31 -22.44
N GLY A 517 -3.60 24.74 -21.44
CA GLY A 517 -4.98 25.16 -21.64
C GLY A 517 -5.86 24.67 -20.52
N PHE A 518 -7.16 24.55 -20.82
CA PHE A 518 -8.18 24.33 -19.82
C PHE A 518 -8.95 23.04 -20.08
N LEU A 519 -9.22 22.29 -19.03
CA LEU A 519 -10.05 21.11 -19.07
C LEU A 519 -11.36 21.48 -18.39
N GLU A 520 -12.45 21.51 -19.15
CA GLU A 520 -13.76 21.82 -18.57
C GLU A 520 -14.40 20.49 -18.20
N THR A 521 -14.80 20.34 -16.94
CA THR A 521 -15.30 19.07 -16.51
C THR A 521 -16.30 19.28 -15.38
N ILE A 522 -16.66 18.17 -14.81
CA ILE A 522 -17.58 18.07 -13.70
C ILE A 522 -17.09 16.96 -12.80
N SER A 523 -17.19 17.18 -11.51
CA SER A 523 -16.97 16.15 -10.49
C SER A 523 -18.35 15.74 -9.95
N PRO A 524 -18.92 14.65 -10.44
CA PRO A 524 -20.22 14.27 -9.94
C PRO A 524 -20.20 13.92 -8.43
N GLY A 525 -21.30 14.11 -7.77
CA GLY A 525 -21.43 13.63 -6.40
C GLY A 525 -21.05 12.16 -6.29
N TYR A 526 -20.36 11.82 -5.22
CA TYR A 526 -19.96 10.42 -4.93
C TYR A 526 -19.23 9.83 -6.14
N SER A 527 -18.19 10.52 -6.58
CA SER A 527 -17.39 10.07 -7.67
C SER A 527 -15.91 10.20 -7.36
N ILE A 528 -15.14 9.53 -8.19
CA ILE A 528 -13.71 9.76 -8.24
C ILE A 528 -13.32 9.76 -9.72
N HIS A 529 -12.50 10.74 -10.09
CA HIS A 529 -12.02 10.86 -11.44
C HIS A 529 -10.50 10.91 -11.47
N THR A 530 -9.88 10.30 -12.47
CA THR A 530 -8.49 10.58 -12.78
C THR A 530 -8.41 11.18 -14.18
N TYR A 531 -7.72 12.31 -14.27
CA TYR A 531 -7.51 13.01 -15.50
C TYR A 531 -6.06 12.87 -15.93
N LEU A 532 -5.79 12.65 -17.21
CA LEU A 532 -4.43 12.52 -17.73
C LEU A 532 -4.32 13.31 -19.01
N TRP A 533 -3.19 13.98 -19.21
CA TRP A 533 -2.94 14.64 -20.47
C TRP A 533 -1.44 14.83 -20.72
N ARG A 534 -1.09 14.87 -21.98
CA ARG A 534 0.23 15.27 -22.40
C ARG A 534 0.41 16.78 -22.29
N ARG A 535 1.63 17.19 -21.98
CA ARG A 535 2.02 18.59 -21.77
C ARG A 535 3.12 19.00 -22.76
N GLN A 536 2.88 19.99 -23.55
CA GLN A 536 3.99 20.54 -24.36
C GLN A 536 4.12 22.03 -24.05
N HIS A 537 5.34 22.56 -24.15
CA HIS A 537 5.62 23.95 -23.81
C HIS A 537 5.79 24.74 -25.11
N HIS A 538 5.46 26.03 -25.06
CA HIS A 538 5.71 26.97 -26.17
C HIS A 538 6.23 28.30 -25.60
C1 NAG B . -18.52 -16.09 -15.43
C2 NAG B . -19.38 -17.29 -15.83
C3 NAG B . -20.12 -17.01 -17.13
C4 NAG B . -20.82 -15.66 -17.09
C5 NAG B . -19.85 -14.56 -16.68
C6 NAG B . -20.47 -13.18 -16.62
C7 NAG B . -18.47 -19.49 -15.15
C8 NAG B . -17.44 -20.52 -15.48
N2 NAG B . -18.49 -18.42 -15.95
O3 NAG B . -21.04 -18.09 -17.40
O4 NAG B . -21.22 -15.36 -18.43
O5 NAG B . -19.32 -14.91 -15.40
O6 NAG B . -21.56 -13.17 -15.75
O7 NAG B . -19.25 -19.61 -14.23
H1 NAG B . -17.77 -15.97 -16.22
H2 NAG B . -20.13 -17.47 -15.03
H3 NAG B . -19.37 -16.98 -17.93
H4 NAG B . -21.67 -15.70 -16.38
H5 NAG B . -19.04 -14.53 -17.42
H61 NAG B . -20.78 -12.85 -17.61
H62 NAG B . -19.72 -12.48 -16.25
H81 NAG B . -16.50 -20.18 -15.16
H82 NAG B . -17.68 -21.43 -14.99
H83 NAG B . -17.42 -20.67 -16.52
HN2 NAG B . -17.82 -18.37 -16.71
HO3 NAG B . -21.46 -17.93 -18.26
HO6 NAG B . -21.95 -12.28 -15.72
C1 NAG B . -22.55 -14.90 -18.51
C2 NAG B . -22.73 -14.24 -19.86
C3 NAG B . -24.16 -13.76 -19.99
C4 NAG B . -25.10 -14.95 -19.80
C5 NAG B . -24.82 -15.59 -18.45
C6 NAG B . -25.62 -16.85 -18.20
C7 NAG B . -20.72 -13.16 -20.73
C8 NAG B . -19.99 -11.84 -20.73
N2 NAG B . -21.83 -13.09 -20.03
O3 NAG B . -24.34 -13.20 -21.28
O4 NAG B . -26.46 -14.53 -19.99
O5 NAG B . -23.45 -15.98 -18.43
O6 NAG B . -25.38 -17.77 -19.25
O7 NAG B . -20.28 -14.13 -21.33
H1 NAG B . -22.77 -14.17 -17.73
H2 NAG B . -22.54 -14.98 -20.65
H3 NAG B . -24.37 -13.01 -19.21
H4 NAG B . -24.84 -15.68 -20.59
H5 NAG B . -25.02 -14.86 -17.65
H61 NAG B . -26.68 -16.61 -18.15
H62 NAG B . -25.33 -17.29 -17.24
H81 NAG B . -19.74 -11.58 -19.73
H82 NAG B . -19.11 -11.93 -21.30
H83 NAG B . -20.61 -11.09 -21.15
HN2 NAG B . -22.07 -12.23 -19.57
HO3 NAG B . -25.25 -12.92 -21.40
HO4 NAG B . -26.95 -15.46 -20.24
HO6 NAG B . -25.89 -18.57 -19.08
C1 NAG C . 30.02 -9.82 6.92
C2 NAG C . 29.92 -10.79 8.10
C3 NAG C . 30.91 -11.94 7.94
C4 NAG C . 30.65 -12.70 6.65
C5 NAG C . 30.60 -11.74 5.46
C6 NAG C . 30.05 -12.47 4.24
C7 NAG C . 29.32 -9.83 10.31
C8 NAG C . 27.88 -10.21 10.10
N2 NAG C . 30.21 -10.12 9.36
O3 NAG C . 30.79 -12.83 9.05
O4 NAG C . 31.71 -13.65 6.44
O5 NAG C . 29.78 -10.58 5.71
O6 NAG C . 30.62 -11.92 3.04
O7 NAG C . 29.66 -9.27 11.34
H1 NAG C . 31.05 -9.44 6.90
H2 NAG C . 28.91 -11.21 8.11
H3 NAG C . 31.93 -11.52 7.91
H4 NAG C . 29.68 -13.20 6.74
H5 NAG C . 31.63 -11.41 5.24
H61 NAG C . 28.96 -12.36 4.20
H62 NAG C . 30.27 -13.53 4.30
H81 NAG C . 27.79 -11.26 10.03
H82 NAG C . 27.30 -9.87 10.93
H83 NAG C . 27.51 -9.76 9.21
HN2 NAG C . 31.18 -9.85 9.52
HO3 NAG C . 31.47 -13.54 8.97
HO6 NAG C . 30.20 -12.57 2.31
C1 NAG C . 31.29 -15.03 6.57
C2 NAG C . 32.30 -15.93 5.85
C3 NAG C . 31.98 -17.41 6.08
C4 NAG C . 31.85 -17.70 7.56
C5 NAG C . 30.79 -16.78 8.16
C6 NAG C . 30.61 -17.04 9.65
C7 NAG C . 33.15 -14.80 3.85
C8 NAG C . 33.02 -14.67 2.36
N2 NAG C . 32.32 -15.66 4.42
O3 NAG C . 33.02 -18.22 5.51
O4 NAG C . 31.53 -19.08 7.75
O5 NAG C . 31.14 -15.41 7.94
O6 NAG C . 29.60 -16.17 10.17
O7 NAG C . 33.99 -14.16 4.48
H1 NAG C . 30.32 -15.16 6.07
H2 NAG C . 33.30 -15.73 6.27
H3 NAG C . 31.03 -17.64 5.59
H4 NAG C . 32.82 -17.48 8.05
H5 NAG C . 29.83 -16.99 7.65
H61 NAG C . 31.55 -16.86 10.17
H62 NAG C . 30.32 -18.08 9.82
H81 NAG C . 32.04 -14.33 2.13
H82 NAG C . 33.73 -13.97 2.00
H83 NAG C . 33.19 -15.61 1.90
HN2 NAG C . 31.65 -16.16 3.85
HO3 NAG C . 32.86 -19.17 5.63
HO4 NAG C . 31.59 -19.31 8.72
HO6 NAG C . 29.58 -16.45 11.17
C1 NAG D . -10.07 32.60 -27.35
C2 NAG D . -10.94 32.68 -28.58
C3 NAG D . -10.16 33.49 -29.60
C4 NAG D . -10.15 34.94 -29.10
C5 NAG D . -9.75 35.08 -27.62
C6 NAG D . -10.63 36.13 -26.92
C7 NAG D . -10.62 30.31 -29.33
C8 NAG D . -11.39 29.11 -29.79
N2 NAG D . -11.39 31.37 -29.05
O3 NAG D . -10.78 33.40 -30.89
O4 NAG D . -9.23 35.70 -29.89
O5 NAG D . -9.87 33.91 -26.80
O6 NAG D . -10.45 37.43 -27.48
O7 NAG D . -9.40 30.29 -29.24
H1 NAG D . -9.09 32.18 -27.64
H2 NAG D . -11.84 33.25 -28.31
H3 NAG D . -9.13 33.13 -29.65
H4 NAG D . -11.16 35.35 -29.23
H5 NAG D . -8.71 35.44 -27.59
H61 NAG D . -10.38 36.15 -25.87
H62 NAG D . -11.68 35.84 -27.02
H81 NAG D . -11.93 29.35 -30.66
H82 NAG D . -10.73 28.32 -29.99
H83 NAG D . -12.08 28.82 -29.03
HN2 NAG D . -12.39 31.27 -29.17
HO3 NAG D . -10.24 33.96 -31.51
HO4 NAG D . -9.26 36.65 -29.63
HO6 NAG D . -11.01 38.09 -26.98
K K E . 13.40 -23.72 9.94
K K F . -14.87 -6.40 11.67
C1 EDO G . 12.35 5.50 -3.70
O1 EDO G . 11.26 6.42 -3.51
C2 EDO G . 12.77 4.95 -2.35
O2 EDO G . 13.82 4.03 -2.52
H11 EDO G . 12.03 4.69 -4.37
H12 EDO G . 13.18 6.01 -4.17
HO1 EDO G . 10.90 6.77 -4.18
H21 EDO G . 13.12 5.79 -1.74
H22 EDO G . 11.93 4.48 -1.86
HO2 EDO G . 14.22 3.82 -1.67
C1 EDO H . -25.11 8.20 -6.02
O1 EDO H . -25.32 9.12 -7.10
C2 EDO H . -26.28 7.22 -5.89
O2 EDO H . -25.88 5.90 -6.23
H11 EDO H . -24.20 7.64 -6.19
H12 EDO H . -25.00 8.77 -5.09
HO1 EDO H . -24.56 9.68 -7.17
H21 EDO H . -26.66 7.24 -4.86
H22 EDO H . -27.09 7.54 -6.55
HO2 EDO H . -26.63 5.30 -6.13
C1 EDO I . -13.26 9.65 3.81
O1 EDO I . -14.49 8.94 3.63
C2 EDO I . -13.05 10.02 5.27
O2 EDO I . -12.70 11.42 5.38
H11 EDO I . -12.43 9.02 3.48
H12 EDO I . -13.26 10.55 3.20
HO1 EDO I . -14.57 8.71 2.72
H21 EDO I . -13.96 9.82 5.84
H22 EDO I . -12.25 9.42 5.69
HO2 EDO I . -12.57 11.64 6.31
C1 EDO J . -17.93 25.62 -9.81
O1 EDO J . -17.90 26.99 -9.42
C2 EDO J . -18.02 24.73 -8.58
O2 EDO J . -19.10 23.85 -8.79
H11 EDO J . -18.79 25.44 -10.45
H12 EDO J . -17.04 25.36 -10.38
HO1 EDO J . -17.77 27.50 -10.26
H21 EDO J . -17.10 24.18 -8.44
H22 EDO J . -18.21 25.34 -7.69
HO2 EDO J . -18.74 22.99 -9.03
C1 EDO K . 12.57 -7.93 -7.72
O1 EDO K . 11.24 -7.61 -7.29
C2 EDO K . 12.67 -9.43 -7.81
O2 EDO K . 14.02 -9.79 -8.03
H11 EDO K . 12.75 -7.48 -8.70
H12 EDO K . 13.30 -7.53 -7.02
HO1 EDO K . 11.09 -6.68 -7.15
H21 EDO K . 12.27 -9.89 -6.89
H22 EDO K . 12.03 -9.76 -8.63
HO2 EDO K . 14.07 -10.74 -8.23
C1 PEG L . -11.14 -12.52 -19.06
O1 PEG L . -12.27 -11.72 -19.28
C2 PEG L . -11.18 -13.68 -20.03
O2 PEG L . -9.83 -14.03 -20.36
C3 PEG L . -9.33 -13.33 -21.50
C4 PEG L . -9.88 -13.92 -22.81
O4 PEG L . -10.57 -15.15 -22.57
H11 PEG L . -10.23 -11.94 -19.18
H12 PEG L . -11.18 -12.89 -18.04
HO1 PEG L . -12.36 -10.87 -18.77
H21 PEG L . -11.67 -14.54 -19.56
H22 PEG L . -11.73 -13.40 -20.92
H31 PEG L . -9.60 -12.27 -21.44
H32 PEG L . -8.24 -13.39 -21.51
H41 PEG L . -10.55 -13.20 -23.27
H42 PEG L . -9.04 -14.09 -23.50
HO4 PEG L . -10.91 -15.49 -23.41
C1 PEG M . -2.62 5.88 -20.20
O1 PEG M . -3.80 5.68 -19.40
C2 PEG M . -1.41 6.28 -19.37
O2 PEG M . -1.26 5.54 -18.15
C3 PEG M . 0.10 5.47 -17.69
C4 PEG M . 0.27 6.11 -16.34
O4 PEG M . 0.72 5.13 -15.42
H11 PEG M . -2.40 4.96 -20.74
H12 PEG M . -2.82 6.66 -20.93
HO1 PEG M . -4.23 4.84 -20.35
H21 PEG M . -0.53 6.16 -19.99
H22 PEG M . -1.50 7.34 -19.12
H31 PEG M . 0.42 4.43 -17.65
H32 PEG M . 0.76 5.99 -18.39
H41 PEG M . 1.04 6.87 -16.42
H42 PEG M . -0.66 6.57 -16.02
HO4 PEG M . 0.53 5.44 -14.52
S SO4 N . -21.57 1.84 2.84
O1 SO4 N . -20.46 1.20 3.64
O2 SO4 N . -21.06 2.69 1.72
O3 SO4 N . -22.45 0.73 2.43
O4 SO4 N . -22.29 2.80 3.72
C4 A1IBO O . -10.23 21.28 0.00
C6 A1IBO O . -9.28 21.82 -1.06
C7 A1IBO O . -8.33 22.78 -0.73
C8 A1IBO O . -7.47 23.27 -1.67
C10 A1IBO O . -8.45 21.83 -3.34
C13 A1IBO O . -9.68 20.78 -5.22
C20 A1IBO O . -7.57 15.36 1.34
C22 A1IBO O . -6.71 15.27 2.41
C1 A1IBO O . -8.13 20.45 2.21
N2 A1IBO O . -8.37 19.93 0.86
C3 A1IBO O . -9.76 19.89 0.43
N5 A1IBO O . -11.65 21.22 -0.47
C9 A1IBO O . -7.51 22.80 -2.97
C11 A1IBO O . -9.32 21.35 -2.36
C12 A1IBO O . -8.53 21.31 -4.73
C14 A1IBO O . -7.35 21.38 -5.56
S15 A1IBO O . -7.23 19.08 0.05
O16 A1IBO O . -7.75 18.72 -1.23
O17 A1IBO O . -6.02 19.83 0.16
C18 A1IBO O . -7.02 17.60 0.98
C19 A1IBO O . -7.73 16.49 0.63
F21 A1IBO O . -8.28 14.26 0.98
C23 A1IBO O . -6.02 16.39 2.74
F24 A1IBO O . -5.15 16.34 3.80
C25 A1IBO O . -6.14 17.57 2.06
H26 A1IBO O . -10.19 21.89 0.78
H35 A1IBO O . -8.30 23.11 0.17
H36 A1IBO O . -6.82 23.94 -1.43
H39 A1IBO O . -10.45 20.73 -4.66
H40 A1IBO O . -9.71 20.44 -6.11
H45 A1IBO O . -6.62 14.45 2.90
H30 A1IBO O . -7.23 20.21 2.49
H31 A1IBO O . -8.78 20.06 2.83
H32 A1IBO O . -8.22 21.42 2.21
H33 A1IBO O . -10.34 19.58 1.17
H34 A1IBO O . -9.87 19.27 -0.32
H27 A1IBO O . -11.83 20.37 -0.76
H28 A1IBO O . -11.77 21.80 -1.15
H37 A1IBO O . -6.90 23.15 -3.62
H38 A1IBO O . -9.96 20.69 -2.59
H41 A1IBO O . -6.56 21.44 -5.01
H42 A1IBO O . -7.40 22.18 -6.14
H43 A1IBO O . -7.29 20.59 -6.13
H44 A1IBO O . -8.34 16.52 -0.11
H46 A1IBO O . -5.64 18.34 2.31
H29 A1IBO O . -12.20 21.43 0.23
#